data_8QIZ
#
_entry.id   8QIZ
#
_cell.length_a   42.690
_cell.length_b   69.360
_cell.length_c   42.920
_cell.angle_alpha   90.000
_cell.angle_beta   114.640
_cell.angle_gamma   90.000
#
_symmetry.space_group_name_H-M   'P 1 21 1'
#
loop_
_entity.id
_entity.type
_entity.pdbx_description
1 polymer 'Alginate lyase'
2 branched 'beta-D-mannopyranuronic acid-(1-4)-beta-D-mannopyranuronic acid-(1-4)-beta-D-mannopyranuronic acid-(1-4)-beta-D-mannopyranuronic acid-(1-4)-alpha-L-gulopyranuronic acid-(1-4)-beta-D-mannopyranuronic acid'
3 branched 'beta-D-mannopyranuronic acid-(1-4)-beta-D-mannopyranuronic acid-(1-4)-beta-D-mannopyranuronic acid-(1-4)-beta-D-mannopyranuronic acid'
4 water water
#
_entity_poly.entity_id   1
_entity_poly.type   'polypeptide(L)'
_entity_poly.pdbx_seq_one_letter_code
;EFLTAVSSIDTFLPVLNEAKLQWPTSALAASSEELLGGYVGSQFYLQDGKYMQFQIAGSSNRCELRQMIPDGGSEIGWAV
DDGTTHTATSSIVVPEQVDGVEEVTIMQINSGEAPQLRISWIRSKSLDGVAYEDFIMSTVRIGTGDSSDNFVKTHLADRT
AGAMSFQIDVKDSKLTITVNGNVVVNGQDLSFWDGTDSCYFKAGAYNNNPTSESATARIKFAALAWVDHHHHHH
;
_entity_poly.pdbx_strand_id   A
#
# COMPACT_ATOMS: atom_id res chain seq x y z
N GLU A 1 4.33 17.70 21.19
CA GLU A 1 2.92 18.05 21.11
C GLU A 1 2.03 16.83 21.21
N PHE A 2 0.75 17.05 21.55
CA PHE A 2 -0.20 15.96 21.70
C PHE A 2 -0.42 15.25 20.36
N LEU A 3 -0.32 13.92 20.39
CA LEU A 3 -0.56 13.12 19.20
C LEU A 3 -1.95 12.53 19.28
N THR A 4 -2.73 12.75 18.24
CA THR A 4 -4.11 12.30 18.17
C THR A 4 -4.16 10.97 17.45
N ALA A 5 -4.92 10.02 18.01
CA ALA A 5 -5.02 8.69 17.45
C ALA A 5 -5.89 8.67 16.20
N VAL A 6 -5.50 7.82 15.26
CA VAL A 6 -6.28 7.65 14.04
C VAL A 6 -7.70 7.22 14.36
N SER A 7 -7.89 6.37 15.39
CA SER A 7 -9.23 5.89 15.72
C SER A 7 -10.10 6.94 16.41
N SER A 8 -9.61 8.16 16.61
CA SER A 8 -10.41 9.19 17.27
C SER A 8 -11.50 9.78 16.37
N ILE A 9 -11.47 9.46 15.08
CA ILE A 9 -12.52 9.85 14.14
C ILE A 9 -13.13 8.57 13.55
N ASP A 10 -14.21 8.74 12.79
CA ASP A 10 -14.88 7.57 12.24
C ASP A 10 -14.29 7.08 10.92
N THR A 11 -13.52 7.92 10.23
CA THR A 11 -13.18 7.69 8.83
C THR A 11 -12.47 6.37 8.60
N PHE A 12 -11.56 5.99 9.48
CA PHE A 12 -10.72 4.82 9.24
C PHE A 12 -11.15 3.61 10.05
N LEU A 13 -12.22 3.70 10.83
CA LEU A 13 -12.60 2.54 11.63
C LEU A 13 -12.88 1.30 10.80
N PRO A 14 -13.53 1.38 9.64
CA PRO A 14 -13.79 0.13 8.91
C PRO A 14 -12.51 -0.59 8.54
N VAL A 15 -11.48 0.13 8.08
CA VAL A 15 -10.25 -0.58 7.73
C VAL A 15 -9.47 -1.00 8.96
N LEU A 16 -9.51 -0.21 10.04
CA LEU A 16 -8.79 -0.61 11.24
C LEU A 16 -9.38 -1.88 11.83
N ASN A 17 -10.69 -2.08 11.64
CA ASN A 17 -11.36 -3.31 12.06
C ASN A 17 -10.95 -4.51 11.22
N GLU A 18 -10.18 -4.30 10.16
CA GLU A 18 -9.75 -5.33 9.24
C GLU A 18 -8.26 -5.22 8.97
N ALA A 19 -7.48 -4.82 9.96
CA ALA A 19 -6.06 -4.61 9.74
C ALA A 19 -5.30 -4.77 11.04
N LYS A 20 -4.04 -5.19 10.91
CA LYS A 20 -3.04 -5.01 11.94
C LYS A 20 -2.01 -4.02 11.40
N LEU A 21 -1.27 -3.42 12.32
CA LEU A 21 -0.17 -2.52 11.96
C LEU A 21 1.13 -3.26 12.17
N GLN A 22 1.97 -3.25 11.14
CA GLN A 22 3.33 -3.77 11.17
C GLN A 22 4.28 -2.59 11.18
N TRP A 23 5.15 -2.57 12.18
CA TRP A 23 6.12 -1.49 12.35
C TRP A 23 7.11 -1.91 13.42
N PRO A 24 8.40 -1.58 13.29
CA PRO A 24 9.06 -0.94 12.15
C PRO A 24 9.48 -1.93 11.06
N THR A 25 9.15 -3.20 11.27
CA THR A 25 9.40 -4.27 10.30
C THR A 25 8.07 -4.99 10.11
N SER A 26 8.11 -6.23 9.62
CA SER A 26 6.88 -7.02 9.56
C SER A 26 6.39 -7.48 10.92
N ALA A 27 7.15 -7.22 12.00
CA ALA A 27 6.69 -7.54 13.34
C ALA A 27 5.41 -6.77 13.66
N LEU A 28 4.57 -7.40 14.47
CA LEU A 28 3.32 -6.79 14.89
C LEU A 28 3.62 -5.57 15.76
N ALA A 29 3.03 -4.45 15.38
CA ALA A 29 3.05 -3.24 16.18
C ALA A 29 1.74 -3.02 16.92
N ALA A 30 0.62 -3.32 16.29
CA ALA A 30 -0.68 -3.11 16.91
C ALA A 30 -1.69 -4.04 16.24
N SER A 31 -2.42 -4.79 17.06
CA SER A 31 -3.51 -5.58 16.53
C SER A 31 -4.65 -4.66 16.13
N SER A 32 -5.61 -5.21 15.39
CA SER A 32 -6.84 -4.50 15.04
C SER A 32 -7.49 -3.92 16.30
N GLU A 33 -7.60 -4.74 17.35
CA GLU A 33 -8.22 -4.25 18.57
CA GLU A 33 -8.22 -4.25 18.57
C GLU A 33 -7.45 -3.07 19.16
N GLU A 34 -6.12 -3.12 19.13
CA GLU A 34 -5.34 -2.01 19.65
C GLU A 34 -5.48 -0.77 18.79
N LEU A 35 -5.53 -0.94 17.47
CA LEU A 35 -5.74 0.19 16.58
C LEU A 35 -7.08 0.86 16.86
N LEU A 36 -8.14 0.07 16.97
CA LEU A 36 -9.45 0.62 17.28
C LEU A 36 -9.48 1.23 18.67
N GLY A 37 -8.60 0.79 19.57
CA GLY A 37 -8.50 1.25 20.93
C GLY A 37 -7.63 2.48 21.13
N GLY A 38 -7.19 3.14 20.07
CA GLY A 38 -6.47 4.38 20.20
C GLY A 38 -4.96 4.28 20.17
N TYR A 39 -4.41 3.19 19.69
CA TYR A 39 -2.96 3.11 19.52
C TYR A 39 -2.49 4.31 18.70
N VAL A 40 -1.39 4.92 19.13
CA VAL A 40 -0.87 6.10 18.46
C VAL A 40 0.61 6.23 18.79
N GLY A 41 1.39 6.66 17.79
CA GLY A 41 2.78 7.03 18.00
C GLY A 41 3.20 7.92 16.85
N SER A 42 4.43 8.43 16.91
CA SER A 42 4.89 9.30 15.83
CA SER A 42 4.91 9.29 15.83
C SER A 42 4.82 8.60 14.48
N GLN A 43 4.92 7.28 14.46
CA GLN A 43 4.89 6.52 13.23
C GLN A 43 3.49 6.38 12.64
N PHE A 44 2.45 6.66 13.42
CA PHE A 44 1.08 6.34 13.01
C PHE A 44 0.14 7.21 13.84
N TYR A 45 -0.29 8.34 13.28
CA TYR A 45 -1.15 9.25 14.02
C TYR A 45 -2.03 10.00 13.03
N LEU A 46 -3.02 10.70 13.60
CA LEU A 46 -3.96 11.49 12.83
C LEU A 46 -3.39 12.89 12.67
N GLN A 47 -3.06 13.25 11.44
CA GLN A 47 -2.47 14.53 11.12
C GLN A 47 -3.53 15.49 10.59
N ASP A 48 -3.47 16.73 11.07
CA ASP A 48 -4.41 17.79 10.65
C ASP A 48 -5.87 17.38 10.83
N GLY A 49 -6.15 16.53 11.82
CA GLY A 49 -7.51 16.13 12.11
C GLY A 49 -8.15 15.19 11.12
N LYS A 50 -7.43 14.76 10.07
CA LYS A 50 -8.12 13.99 9.05
C LYS A 50 -7.27 12.97 8.32
N TYR A 51 -5.94 13.02 8.44
CA TYR A 51 -5.09 12.12 7.67
C TYR A 51 -4.48 11.04 8.56
N MET A 52 -4.64 9.79 8.13
CA MET A 52 -3.91 8.70 8.76
C MET A 52 -2.50 8.72 8.20
N GLN A 53 -1.54 9.17 9.00
CA GLN A 53 -0.18 9.42 8.53
C GLN A 53 0.76 8.33 9.05
N PHE A 54 1.52 7.78 8.11
CA PHE A 54 2.54 6.78 8.38
C PHE A 54 3.91 7.40 8.18
N GLN A 55 4.84 7.10 9.08
CA GLN A 55 6.23 7.56 8.95
C GLN A 55 7.17 6.41 9.27
N ILE A 56 8.24 6.30 8.48
CA ILE A 56 9.24 5.26 8.72
C ILE A 56 10.55 5.63 8.05
N ALA A 57 11.65 5.38 8.76
CA ALA A 57 13.00 5.48 8.22
C ALA A 57 13.67 4.11 8.19
N GLY A 58 14.64 3.96 7.30
CA GLY A 58 15.50 2.80 7.27
C GLY A 58 15.16 1.86 6.12
N SER A 59 16.19 1.19 5.60
CA SER A 59 16.04 0.35 4.43
C SER A 59 15.12 -0.82 4.70
N SER A 60 14.06 -0.93 3.91
CA SER A 60 13.08 -2.00 3.96
C SER A 60 12.29 -2.03 5.26
N ASN A 61 12.38 -0.98 6.07
CA ASN A 61 11.47 -0.84 7.19
CA ASN A 61 11.47 -0.85 7.19
C ASN A 61 10.11 -0.38 6.70
N ARG A 62 9.11 -0.55 7.55
CA ARG A 62 7.75 -0.20 7.16
C ARG A 62 6.95 0.27 8.36
N CYS A 63 5.89 1.00 8.04
CA CYS A 63 4.77 1.23 8.95
C CYS A 63 3.57 1.02 8.05
N GLU A 64 2.94 -0.15 8.17
CA GLU A 64 1.98 -0.58 7.17
CA GLU A 64 1.97 -0.58 7.17
C GLU A 64 0.83 -1.33 7.82
N LEU A 65 -0.37 -1.08 7.32
CA LEU A 65 -1.52 -1.90 7.66
C LEU A 65 -1.53 -3.14 6.76
N ARG A 66 -1.91 -4.26 7.35
CA ARG A 66 -1.93 -5.57 6.72
C ARG A 66 -3.34 -6.13 6.91
N GLN A 67 -3.98 -6.53 5.81
CA GLN A 67 -5.38 -6.94 5.86
C GLN A 67 -5.59 -8.17 6.74
N MET A 68 -6.59 -8.09 7.61
CA MET A 68 -6.96 -9.16 8.51
C MET A 68 -8.42 -9.50 8.30
N ILE A 69 -8.78 -10.71 8.74
CA ILE A 69 -10.20 -11.07 8.84
C ILE A 69 -10.89 -10.08 9.76
N PRO A 70 -12.05 -9.55 9.41
CA PRO A 70 -12.64 -8.48 10.23
C PRO A 70 -13.03 -8.95 11.63
N ASP A 71 -13.21 -7.99 12.51
CA ASP A 71 -13.77 -8.24 13.85
C ASP A 71 -12.86 -9.14 14.67
N GLY A 72 -11.56 -8.84 14.66
CA GLY A 72 -10.61 -9.52 15.52
C GLY A 72 -10.09 -10.83 14.99
N GLY A 73 -10.27 -11.13 13.71
CA GLY A 73 -9.78 -12.36 13.14
C GLY A 73 -8.30 -12.33 12.84
N SER A 74 -7.82 -13.44 12.33
CA SER A 74 -6.39 -13.60 12.05
CA SER A 74 -6.39 -13.60 12.05
C SER A 74 -6.09 -13.11 10.63
N GLU A 75 -4.87 -13.34 10.19
CA GLU A 75 -4.43 -12.88 8.88
C GLU A 75 -5.27 -13.51 7.79
N ILE A 76 -5.73 -12.67 6.85
CA ILE A 76 -6.54 -13.17 5.75
C ILE A 76 -5.63 -13.68 4.64
N GLY A 77 -6.16 -14.60 3.85
CA GLY A 77 -5.53 -14.97 2.61
C GLY A 77 -6.62 -15.26 1.61
N TRP A 78 -6.52 -14.63 0.44
CA TRP A 78 -7.47 -14.86 -0.64
C TRP A 78 -6.70 -15.17 -1.92
N ALA A 79 -7.43 -15.49 -2.97
CA ALA A 79 -6.82 -15.89 -4.22
C ALA A 79 -7.36 -15.04 -5.35
N VAL A 80 -6.52 -14.80 -6.37
CA VAL A 80 -6.97 -14.00 -7.49
C VAL A 80 -8.06 -14.70 -8.27
N ASP A 81 -8.15 -16.02 -8.15
CA ASP A 81 -9.09 -16.83 -8.91
C ASP A 81 -10.14 -17.47 -8.02
N ASP A 82 -10.39 -16.92 -6.83
CA ASP A 82 -11.40 -17.50 -5.95
C ASP A 82 -12.81 -17.07 -6.29
N GLY A 83 -12.99 -16.26 -7.33
CA GLY A 83 -14.30 -15.84 -7.78
C GLY A 83 -14.83 -14.60 -7.10
N THR A 84 -14.24 -14.20 -5.98
CA THR A 84 -14.64 -12.99 -5.29
C THR A 84 -13.88 -11.80 -5.87
N THR A 85 -14.54 -10.65 -5.91
CA THR A 85 -13.86 -9.40 -6.26
C THR A 85 -13.24 -8.83 -5.00
N HIS A 86 -11.93 -8.61 -5.04
CA HIS A 86 -11.20 -8.03 -3.93
C HIS A 86 -10.85 -6.60 -4.31
N THR A 87 -11.30 -5.64 -3.52
CA THR A 87 -11.15 -4.24 -3.85
C THR A 87 -10.53 -3.49 -2.70
N ALA A 88 -9.54 -2.66 -2.99
CA ALA A 88 -8.98 -1.71 -2.04
C ALA A 88 -9.15 -0.33 -2.63
N THR A 89 -9.62 0.61 -1.83
CA THR A 89 -9.73 1.99 -2.25
C THR A 89 -8.96 2.88 -1.29
N SER A 90 -8.50 4.01 -1.79
CA SER A 90 -7.81 4.95 -0.94
C SER A 90 -7.84 6.33 -1.56
N SER A 91 -7.55 7.30 -0.72
CA SER A 91 -7.24 8.66 -1.13
C SER A 91 -5.98 9.00 -0.40
N ILE A 92 -4.91 9.30 -1.13
CA ILE A 92 -3.58 9.43 -0.56
C ILE A 92 -3.03 10.79 -0.90
N VAL A 93 -2.44 11.44 0.09
CA VAL A 93 -1.61 12.63 -0.10
C VAL A 93 -0.18 12.19 0.10
N VAL A 94 0.61 12.26 -0.98
CA VAL A 94 2.04 12.00 -0.90
C VAL A 94 2.72 13.36 -0.84
N PRO A 95 3.26 13.76 0.32
N PRO A 95 3.24 13.77 0.32
CA PRO A 95 4.01 15.01 0.38
CA PRO A 95 4.00 15.02 0.37
C PRO A 95 5.32 14.85 -0.37
C PRO A 95 5.36 14.84 -0.30
N GLU A 96 5.98 15.96 -0.61
CA GLU A 96 7.34 15.92 -1.12
C GLU A 96 8.18 15.15 -0.12
N GLN A 97 8.92 14.16 -0.59
CA GLN A 97 9.70 13.31 0.29
C GLN A 97 11.07 13.91 0.53
N VAL A 98 11.57 13.71 1.75
CA VAL A 98 12.85 14.31 2.11
C VAL A 98 13.99 13.62 1.35
N ASP A 99 15.11 14.33 1.27
CA ASP A 99 16.30 13.78 0.64
C ASP A 99 16.67 12.48 1.32
N GLY A 100 17.04 11.48 0.50
CA GLY A 100 17.39 10.18 0.99
C GLY A 100 16.29 9.14 0.84
N VAL A 101 15.04 9.58 0.74
CA VAL A 101 13.93 8.70 0.43
C VAL A 101 13.82 8.60 -1.09
N GLU A 102 13.85 7.37 -1.60
CA GLU A 102 13.91 7.11 -3.03
C GLU A 102 12.69 6.39 -3.58
N GLU A 103 12.02 5.56 -2.78
CA GLU A 103 10.86 4.82 -3.23
C GLU A 103 10.07 4.46 -1.98
N VAL A 104 8.76 4.70 -1.99
CA VAL A 104 7.91 4.34 -0.87
C VAL A 104 6.71 3.59 -1.40
N THR A 105 6.58 2.33 -1.00
CA THR A 105 5.42 1.54 -1.38
C THR A 105 4.27 1.92 -0.47
N ILE A 106 3.13 2.28 -1.08
CA ILE A 106 1.99 2.84 -0.38
C ILE A 106 0.75 1.95 -0.40
N MET A 107 0.61 1.06 -1.38
CA MET A 107 -0.42 0.03 -1.34
C MET A 107 0.16 -1.22 -1.98
N GLN A 108 -0.30 -2.38 -1.53
CA GLN A 108 0.19 -3.64 -2.08
C GLN A 108 -0.91 -4.69 -2.13
N ILE A 109 -0.68 -5.65 -3.02
CA ILE A 109 -1.19 -7.00 -2.87
C ILE A 109 0.04 -7.87 -2.63
N ASN A 110 0.11 -8.52 -1.49
CA ASN A 110 1.21 -9.42 -1.17
CA ASN A 110 1.20 -9.42 -1.16
C ASN A 110 0.64 -10.81 -0.89
N SER A 111 1.53 -11.78 -0.79
CA SER A 111 1.13 -13.14 -0.49
C SER A 111 2.27 -13.79 0.28
N GLY A 112 2.11 -15.07 0.60
CA GLY A 112 3.16 -15.79 1.27
C GLY A 112 4.39 -16.02 0.42
N GLU A 113 4.31 -15.80 -0.89
CA GLU A 113 5.43 -16.04 -1.78
C GLU A 113 6.11 -14.76 -2.24
N ALA A 114 5.36 -13.78 -2.70
CA ALA A 114 5.94 -12.60 -3.32
C ALA A 114 4.84 -11.58 -3.50
N PRO A 115 5.21 -10.32 -3.75
CA PRO A 115 4.19 -9.28 -3.96
C PRO A 115 3.63 -9.31 -5.37
N GLN A 116 2.33 -9.58 -5.46
CA GLN A 116 1.65 -9.49 -6.74
C GLN A 116 1.66 -8.07 -7.28
N LEU A 117 1.48 -7.09 -6.39
CA LEU A 117 1.38 -5.68 -6.79
C LEU A 117 2.00 -4.80 -5.72
N ARG A 118 2.80 -3.84 -6.15
CA ARG A 118 3.16 -2.69 -5.33
C ARG A 118 2.81 -1.43 -6.07
N ILE A 119 2.10 -0.53 -5.41
CA ILE A 119 1.95 0.85 -5.87
C ILE A 119 2.93 1.65 -5.03
N SER A 120 3.83 2.38 -5.70
CA SER A 120 4.83 3.10 -4.95
C SER A 120 5.04 4.50 -5.54
N TRP A 121 5.41 5.41 -4.65
CA TRP A 121 6.00 6.66 -5.08
C TRP A 121 7.47 6.39 -5.38
N ILE A 122 7.99 6.99 -6.45
CA ILE A 122 9.38 6.81 -6.78
C ILE A 122 9.97 8.13 -7.24
N ARG A 123 11.18 8.41 -6.77
CA ARG A 123 11.81 9.70 -7.04
C ARG A 123 12.20 9.82 -8.51
N SER A 124 12.76 8.75 -9.09
N SER A 124 12.87 8.80 -9.05
CA SER A 124 13.33 8.86 -10.41
CA SER A 124 13.36 8.83 -10.42
C SER A 124 13.51 7.46 -10.98
C SER A 124 13.40 7.40 -10.93
N LYS A 125 12.97 7.21 -12.18
CA LYS A 125 13.06 5.88 -12.77
C LYS A 125 12.81 5.97 -14.26
N SER A 126 13.59 5.21 -15.01
CA SER A 126 13.36 5.03 -16.44
CA SER A 126 13.36 5.03 -16.44
C SER A 126 12.49 3.81 -16.65
N LEU A 127 11.43 3.98 -17.44
CA LEU A 127 10.52 2.90 -17.78
C LEU A 127 10.40 2.86 -19.29
N ASP A 128 10.72 1.71 -19.88
CA ASP A 128 10.67 1.52 -21.32
C ASP A 128 11.35 2.67 -22.05
N GLY A 129 12.52 3.06 -21.55
CA GLY A 129 13.35 4.03 -22.23
C GLY A 129 12.98 5.47 -22.00
N VAL A 130 12.03 5.75 -21.12
CA VAL A 130 11.58 7.10 -20.82
C VAL A 130 11.81 7.38 -19.34
N ALA A 131 12.44 8.51 -19.04
CA ALA A 131 12.69 8.89 -17.68
C ALA A 131 11.46 9.57 -17.10
N TYR A 132 11.06 9.15 -15.92
CA TYR A 132 9.99 9.78 -15.15
C TYR A 132 10.54 10.17 -13.79
N GLU A 133 9.97 11.22 -13.22
CA GLU A 133 10.42 11.75 -11.95
C GLU A 133 9.21 12.00 -11.06
N ASP A 134 9.38 11.74 -9.76
CA ASP A 134 8.42 12.15 -8.74
C ASP A 134 7.00 11.68 -9.10
N PHE A 135 6.85 10.36 -9.18
CA PHE A 135 5.63 9.80 -9.75
C PHE A 135 5.20 8.57 -8.98
N ILE A 136 3.99 8.12 -9.30
CA ILE A 136 3.39 6.93 -8.73
C ILE A 136 3.44 5.83 -9.78
N MET A 137 3.94 4.68 -9.36
CA MET A 137 4.24 3.56 -10.24
C MET A 137 3.53 2.32 -9.72
N SER A 138 3.10 1.46 -10.63
CA SER A 138 2.71 0.10 -10.25
C SER A 138 3.78 -0.88 -10.71
N THR A 139 4.05 -1.86 -9.85
CA THR A 139 4.93 -2.99 -10.17
C THR A 139 4.13 -4.25 -9.94
N VAL A 140 3.85 -4.98 -11.01
CA VAL A 140 3.09 -6.22 -10.95
C VAL A 140 4.06 -7.35 -11.22
N ARG A 141 4.01 -8.40 -10.41
CA ARG A 141 4.79 -9.58 -10.69
C ARG A 141 3.96 -10.56 -11.51
N ILE A 142 4.55 -11.01 -12.61
CA ILE A 142 4.02 -12.10 -13.42
C ILE A 142 4.95 -13.31 -13.35
N GLY A 143 5.88 -13.32 -12.41
CA GLY A 143 6.76 -14.44 -12.16
C GLY A 143 7.41 -14.23 -10.82
N THR A 144 8.11 -15.26 -10.36
CA THR A 144 8.83 -15.21 -9.09
C THR A 144 10.31 -14.97 -9.27
N GLY A 145 10.80 -14.92 -10.51
CA GLY A 145 12.20 -14.68 -10.77
C GLY A 145 12.55 -13.21 -10.57
N ASP A 146 13.84 -12.91 -10.76
CA ASP A 146 14.34 -11.58 -10.50
C ASP A 146 14.65 -10.79 -11.76
N SER A 147 14.65 -11.42 -12.93
CA SER A 147 14.90 -10.69 -14.16
C SER A 147 13.70 -9.81 -14.48
N SER A 148 13.93 -8.84 -15.37
CA SER A 148 12.91 -7.83 -15.64
CA SER A 148 12.91 -7.83 -15.64
C SER A 148 11.64 -8.43 -16.21
N ASP A 149 11.73 -9.57 -16.89
CA ASP A 149 10.55 -10.18 -17.48
C ASP A 149 9.55 -10.66 -16.44
N ASN A 150 9.92 -10.69 -15.17
CA ASN A 150 8.98 -11.05 -14.11
C ASN A 150 8.09 -9.91 -13.67
N PHE A 151 8.30 -8.71 -14.18
CA PHE A 151 7.60 -7.52 -13.72
C PHE A 151 6.96 -6.78 -14.88
N VAL A 152 5.80 -6.18 -14.59
CA VAL A 152 5.21 -5.16 -15.45
C VAL A 152 5.15 -3.90 -14.62
N LYS A 153 5.90 -2.88 -15.03
CA LYS A 153 5.97 -1.61 -14.32
CA LYS A 153 5.97 -1.61 -14.32
C LYS A 153 5.32 -0.53 -15.16
N THR A 154 4.47 0.28 -14.53
CA THR A 154 3.67 1.26 -15.23
C THR A 154 3.73 2.60 -14.50
N HIS A 155 3.91 3.67 -15.27
CA HIS A 155 3.72 5.03 -14.76
C HIS A 155 2.24 5.27 -14.59
N LEU A 156 1.78 5.41 -13.36
CA LEU A 156 0.35 5.65 -13.11
C LEU A 156 -0.01 7.12 -13.20
N ALA A 157 0.78 7.98 -12.57
CA ALA A 157 0.48 9.40 -12.50
C ALA A 157 1.68 10.10 -11.89
N ASP A 158 1.91 11.34 -12.28
CA ASP A 158 2.86 12.15 -11.55
C ASP A 158 2.28 12.46 -10.17
N ARG A 159 3.16 12.58 -9.17
CA ARG A 159 2.69 12.92 -7.84
C ARG A 159 2.04 14.29 -7.84
N THR A 160 0.91 14.40 -7.16
CA THR A 160 0.21 15.67 -7.01
C THR A 160 0.33 16.18 -5.58
N ALA A 161 0.22 17.50 -5.44
CA ALA A 161 0.14 18.08 -4.11
C ALA A 161 -1.10 17.61 -3.36
N GLY A 162 -2.24 17.57 -4.05
CA GLY A 162 -3.48 17.19 -3.42
C GLY A 162 -3.68 15.70 -3.39
N ALA A 163 -4.76 15.30 -2.72
CA ALA A 163 -5.10 13.89 -2.60
C ALA A 163 -5.30 13.25 -3.96
N MET A 164 -4.90 12.00 -4.07
CA MET A 164 -5.02 11.20 -5.28
C MET A 164 -5.80 9.96 -4.91
N SER A 165 -6.85 9.65 -5.67
CA SER A 165 -7.65 8.47 -5.38
C SER A 165 -7.10 7.25 -6.11
N PHE A 166 -7.20 6.11 -5.44
CA PHE A 166 -6.82 4.81 -5.99
C PHE A 166 -7.94 3.82 -5.78
N GLN A 167 -8.12 2.94 -6.76
CA GLN A 167 -8.92 1.75 -6.57
C GLN A 167 -8.17 0.60 -7.21
N ILE A 168 -8.00 -0.46 -6.44
CA ILE A 168 -7.39 -1.70 -6.90
C ILE A 168 -8.49 -2.75 -6.90
N ASP A 169 -8.77 -3.37 -8.04
CA ASP A 169 -9.77 -4.42 -8.16
C ASP A 169 -9.11 -5.67 -8.70
N VAL A 170 -9.33 -6.80 -8.03
CA VAL A 170 -8.90 -8.11 -8.50
C VAL A 170 -10.16 -8.96 -8.66
N LYS A 171 -10.36 -9.49 -9.85
CA LYS A 171 -11.51 -10.34 -10.13
CA LYS A 171 -11.51 -10.34 -10.13
C LYS A 171 -11.12 -11.31 -11.24
N ASP A 172 -11.38 -12.59 -11.02
CA ASP A 172 -11.20 -13.59 -12.06
C ASP A 172 -9.82 -13.48 -12.70
N SER A 173 -8.80 -13.39 -11.85
CA SER A 173 -7.41 -13.44 -12.27
C SER A 173 -6.98 -12.23 -13.07
N LYS A 174 -7.69 -11.11 -12.91
CA LYS A 174 -7.34 -9.86 -13.57
C LYS A 174 -7.29 -8.72 -12.57
N LEU A 175 -6.43 -7.76 -12.85
CA LEU A 175 -6.18 -6.62 -11.99
C LEU A 175 -6.52 -5.33 -12.73
N THR A 176 -7.29 -4.46 -12.08
CA THR A 176 -7.51 -3.12 -12.58
C THR A 176 -7.11 -2.11 -11.50
N ILE A 177 -6.40 -1.07 -11.94
CA ILE A 177 -6.05 0.04 -11.06
C ILE A 177 -6.62 1.31 -11.68
N THR A 178 -7.39 2.04 -10.89
CA THR A 178 -7.98 3.30 -11.28
C THR A 178 -7.37 4.39 -10.42
N VAL A 179 -6.88 5.45 -11.05
CA VAL A 179 -6.21 6.55 -10.37
C VAL A 179 -6.96 7.83 -10.72
N ASN A 180 -7.42 8.54 -9.70
CA ASN A 180 -8.22 9.75 -9.91
C ASN A 180 -9.34 9.49 -10.91
N GLY A 181 -9.97 8.34 -10.75
CA GLY A 181 -11.15 7.98 -11.51
C GLY A 181 -10.90 7.39 -12.88
N ASN A 182 -9.67 7.36 -13.36
CA ASN A 182 -9.34 6.87 -14.69
C ASN A 182 -8.54 5.59 -14.60
N VAL A 183 -8.92 4.58 -15.38
CA VAL A 183 -8.21 3.31 -15.39
C VAL A 183 -6.82 3.50 -15.97
N VAL A 184 -5.82 3.12 -15.21
CA VAL A 184 -4.43 3.20 -15.66
CA VAL A 184 -4.43 3.20 -15.67
C VAL A 184 -3.79 1.84 -15.84
N VAL A 185 -4.35 0.79 -15.25
CA VAL A 185 -3.99 -0.60 -15.52
C VAL A 185 -5.32 -1.30 -15.72
N ASN A 186 -5.57 -1.80 -16.93
CA ASN A 186 -6.90 -2.21 -17.34
C ASN A 186 -6.90 -3.72 -17.60
N GLY A 187 -7.26 -4.51 -16.59
CA GLY A 187 -7.31 -5.95 -16.76
C GLY A 187 -5.97 -6.64 -16.97
N GLN A 188 -4.95 -6.23 -16.22
CA GLN A 188 -3.68 -6.93 -16.22
C GLN A 188 -3.87 -8.38 -15.78
N ASP A 189 -3.21 -9.29 -16.50
CA ASP A 189 -3.31 -10.71 -16.21
C ASP A 189 -2.61 -11.05 -14.91
N LEU A 190 -3.32 -11.70 -13.99
CA LEU A 190 -2.74 -12.23 -12.76
C LEU A 190 -2.81 -13.74 -12.70
N SER A 191 -3.11 -14.40 -13.82
CA SER A 191 -3.34 -15.84 -13.78
C SER A 191 -2.09 -16.63 -13.43
N PHE A 192 -0.90 -16.04 -13.53
CA PHE A 192 0.28 -16.72 -13.00
C PHE A 192 0.08 -17.11 -11.55
N TRP A 193 -0.71 -16.34 -10.81
CA TRP A 193 -0.92 -16.54 -9.39
C TRP A 193 -2.14 -17.40 -9.08
N ASP A 194 -2.79 -17.97 -10.08
CA ASP A 194 -3.93 -18.85 -9.82
C ASP A 194 -3.53 -19.92 -8.81
N GLY A 195 -4.36 -20.11 -7.80
CA GLY A 195 -4.09 -21.11 -6.79
C GLY A 195 -3.31 -20.63 -5.59
N THR A 196 -2.70 -19.46 -5.65
CA THR A 196 -2.05 -18.89 -4.47
C THR A 196 -3.14 -18.37 -3.55
N ASP A 197 -3.29 -18.97 -2.37
CA ASP A 197 -4.43 -18.74 -1.51
C ASP A 197 -4.12 -17.78 -0.37
N SER A 198 -2.98 -17.09 -0.43
CA SER A 198 -2.46 -16.33 0.69
C SER A 198 -2.35 -14.84 0.38
N CYS A 199 -3.05 -14.35 -0.64
CA CYS A 199 -2.96 -12.94 -0.98
C CYS A 199 -3.71 -12.07 0.01
N TYR A 200 -3.25 -10.84 0.13
CA TYR A 200 -3.86 -9.87 1.04
C TYR A 200 -3.43 -8.47 0.62
N PHE A 201 -4.23 -7.49 1.04
CA PHE A 201 -3.89 -6.09 0.81
C PHE A 201 -3.00 -5.55 1.93
N LYS A 202 -2.20 -4.56 1.57
CA LYS A 202 -1.45 -3.75 2.52
C LYS A 202 -1.54 -2.30 2.08
N ALA A 203 -1.34 -1.40 3.04
CA ALA A 203 -1.22 0.01 2.71
C ALA A 203 -0.50 0.73 3.84
N GLY A 204 0.22 1.77 3.49
CA GLY A 204 0.95 2.57 4.46
C GLY A 204 2.20 3.12 3.85
N ALA A 205 3.34 2.84 4.50
CA ALA A 205 4.63 3.29 3.99
C ALA A 205 5.65 2.17 4.20
N TYR A 206 6.22 1.70 3.10
CA TYR A 206 7.25 0.68 3.12
C TYR A 206 8.42 1.26 2.32
N ASN A 207 9.53 1.47 3.00
CA ASN A 207 10.63 2.31 2.51
C ASN A 207 11.62 1.44 1.74
N ASN A 208 11.73 1.68 0.43
CA ASN A 208 12.52 0.83 -0.46
C ASN A 208 13.78 1.54 -0.94
N ASN A 209 14.93 0.93 -0.69
CA ASN A 209 16.22 1.40 -1.20
C ASN A 209 16.52 2.88 -0.93
N PRO A 210 16.35 3.35 0.30
CA PRO A 210 16.73 4.72 0.61
C PRO A 210 18.24 4.86 0.53
N THR A 211 18.68 6.09 0.29
CA THR A 211 20.10 6.40 0.28
C THR A 211 20.59 6.96 1.60
N SER A 212 19.69 7.16 2.55
CA SER A 212 20.04 7.52 3.92
C SER A 212 19.17 6.67 4.83
N GLU A 213 19.79 6.08 5.85
CA GLU A 213 19.04 5.25 6.79
C GLU A 213 18.19 6.05 7.75
N SER A 214 18.48 7.33 7.91
CA SER A 214 17.72 8.17 8.83
C SER A 214 16.63 8.98 8.14
N ALA A 215 16.60 9.03 6.81
CA ALA A 215 15.58 9.78 6.11
C ALA A 215 14.20 9.14 6.30
N THR A 216 13.23 9.94 6.74
CA THR A 216 11.93 9.42 7.12
C THR A 216 10.91 9.60 5.99
N ALA A 217 10.44 8.48 5.44
CA ALA A 217 9.31 8.49 4.51
C ALA A 217 8.05 8.86 5.27
N ARG A 218 7.14 9.57 4.58
CA ARG A 218 5.93 10.06 5.24
C ARG A 218 4.81 10.08 4.21
N ILE A 219 3.70 9.40 4.52
CA ILE A 219 2.59 9.22 3.60
C ILE A 219 1.30 9.44 4.37
N LYS A 220 0.36 10.20 3.78
CA LYS A 220 -0.89 10.54 4.44
C LYS A 220 -2.06 9.92 3.69
N PHE A 221 -2.96 9.28 4.39
CA PHE A 221 -4.18 8.73 3.80
C PHE A 221 -5.37 9.56 4.27
N ALA A 222 -6.14 10.08 3.33
CA ALA A 222 -7.44 10.68 3.64
C ALA A 222 -8.56 9.65 3.69
N ALA A 223 -8.35 8.49 3.10
CA ALA A 223 -9.33 7.41 3.08
C ALA A 223 -8.59 6.13 2.77
N LEU A 224 -9.07 5.03 3.32
CA LEU A 224 -8.57 3.70 2.99
C LEU A 224 -9.63 2.68 3.36
N ALA A 225 -9.94 1.76 2.46
CA ALA A 225 -10.87 0.69 2.77
C ALA A 225 -10.54 -0.51 1.91
N TRP A 226 -10.85 -1.68 2.45
N TRP A 226 -10.79 -1.70 2.42
CA TRP A 226 -10.79 -2.88 1.62
CA TRP A 226 -10.82 -2.83 1.50
C TRP A 226 -12.05 -3.69 1.81
C TRP A 226 -12.03 -3.70 1.79
N VAL A 227 -12.55 -4.25 0.71
CA VAL A 227 -13.88 -4.88 0.68
CA VAL A 227 -13.88 -4.88 0.69
C VAL A 227 -13.86 -6.04 -0.30
N ASP A 228 -14.83 -6.94 -0.15
CA ASP A 228 -14.91 -8.13 -0.98
C ASP A 228 -16.23 -8.26 -1.75
N HIS A 229 -17.17 -7.33 -1.59
CA HIS A 229 -18.44 -7.39 -2.30
C HIS A 229 -19.17 -8.70 -2.01
#